data_3JYJ
#
_entry.id   3JYJ
#
_cell.length_a   117.539
_cell.length_b   36.564
_cell.length_c   51.279
_cell.angle_alpha   90.00
_cell.angle_beta   100.85
_cell.angle_gamma   90.00
#
_symmetry.space_group_name_H-M   'C 1 2 1'
#
loop_
_entity.id
_entity.type
_entity.pdbx_description
1 polymer 'Peptidyl-prolyl cis-trans isomerase NIMA-interacting 1'
2 non-polymer '(2R,4E)-2-[(naphthalen-2-ylcarbonyl)amino]-5-phenylpent-4-enoic acid'
3 water water
#
_entity_poly.entity_id   1
_entity_poly.type   'polypeptide(L)'
_entity_poly.pdbx_seq_one_letter_code
;GSHMGKNGQGEPARVRCSHLLVKHSQSRRPSSWRQEQITRTQEEALELINGYIQKIKSGEEDFESLASQFSDCSSAKARG
DLGAFSRGQMQKPFEDASFALRTGEMSGPVFTDSGIHIILRTE
;
_entity_poly.pdbx_strand_id   A,B
#
loop_
_chem_comp.id
_chem_comp.type
_chem_comp.name
_chem_comp.formula
JZI non-polymer '(2R,4E)-2-[(naphthalen-2-ylcarbonyl)amino]-5-phenylpent-4-enoic acid' 'C22 H19 N O3'
#
# COMPACT_ATOMS: atom_id res chain seq x y z
N GLU A 11 7.57 3.46 3.27
CA GLU A 11 6.30 4.13 3.03
C GLU A 11 6.05 5.26 4.02
N PRO A 12 5.93 6.50 3.56
CA PRO A 12 5.55 7.62 4.42
C PRO A 12 4.09 7.50 4.83
N ALA A 13 3.62 8.34 5.75
CA ALA A 13 2.21 8.29 6.11
C ALA A 13 1.32 8.70 4.94
N ARG A 14 1.76 9.70 4.18
CA ARG A 14 1.02 10.23 3.06
C ARG A 14 1.95 10.48 1.87
N VAL A 15 1.40 10.47 0.67
CA VAL A 15 2.17 10.89 -0.50
C VAL A 15 1.42 12.08 -1.12
N ARG A 16 2.16 12.85 -1.91
CA ARG A 16 1.51 13.89 -2.71
C ARG A 16 1.60 13.48 -4.17
N CYS A 17 0.44 13.46 -4.86
CA CYS A 17 0.43 13.12 -6.27
C CYS A 17 -0.42 14.12 -7.07
N SER A 18 -0.06 14.20 -8.35
CA SER A 18 -0.88 14.78 -9.40
C SER A 18 -1.37 13.63 -10.28
N HIS A 19 -2.47 13.86 -10.99
CA HIS A 19 -2.88 12.84 -11.96
C HIS A 19 -3.55 13.49 -13.17
N LEU A 20 -3.67 12.65 -14.18
CA LEU A 20 -4.42 12.92 -15.38
C LEU A 20 -5.46 11.80 -15.48
N LEU A 21 -6.72 12.19 -15.50
CA LEU A 21 -7.82 11.23 -15.57
C LEU A 21 -8.49 11.29 -16.93
N VAL A 22 -8.64 10.12 -17.57
CA VAL A 22 -9.46 10.10 -18.79
C VAL A 22 -10.70 9.28 -18.47
N LYS A 23 -11.87 9.93 -18.42
CA LYS A 23 -13.08 9.17 -18.13
C LYS A 23 -13.57 8.49 -19.41
N HIS A 24 -14.51 7.56 -19.25
CA HIS A 24 -15.16 6.96 -20.42
C HIS A 24 -16.65 6.80 -20.12
N SER A 25 -17.43 6.42 -21.12
CA SER A 25 -18.88 6.36 -20.93
C SER A 25 -19.29 5.33 -19.89
N GLN A 26 -18.41 4.46 -19.40
CA GLN A 26 -18.84 3.48 -18.38
C GLN A 26 -18.28 3.84 -17.01
N SER A 27 -17.70 5.03 -16.93
CA SER A 27 -17.16 5.55 -15.69
C SER A 27 -18.26 5.80 -14.69
N ARG A 28 -17.85 5.80 -13.42
CA ARG A 28 -18.82 5.94 -12.34
C ARG A 28 -19.64 7.22 -12.54
N ARG A 29 -18.96 8.32 -12.87
CA ARG A 29 -19.66 9.58 -13.10
C ARG A 29 -19.24 10.13 -14.46
N PRO A 30 -20.01 9.74 -15.48
CA PRO A 30 -19.58 9.98 -16.85
C PRO A 30 -19.88 11.41 -17.33
N SER A 31 -19.41 12.39 -16.58
CA SER A 31 -19.38 13.79 -16.96
C SER A 31 -18.12 14.41 -16.34
N SER A 32 -17.73 15.58 -16.81
CA SER A 32 -16.61 16.29 -16.21
C SER A 32 -16.69 17.77 -16.50
N TRP A 33 -15.80 18.53 -15.89
CA TRP A 33 -15.77 19.96 -16.13
C TRP A 33 -15.56 20.30 -17.60
N ARG A 34 -15.06 19.37 -18.43
CA ARG A 34 -14.72 19.78 -19.79
C ARG A 34 -15.69 19.20 -20.80
N GLN A 35 -16.63 18.38 -20.31
CA GLN A 35 -17.54 17.67 -21.21
C GLN A 35 -18.81 17.24 -20.49
N GLU A 36 -19.96 17.73 -20.94
CA GLU A 36 -21.24 17.48 -20.28
C GLU A 36 -21.52 15.99 -20.19
N GLN A 37 -21.20 15.27 -21.26
CA GLN A 37 -21.37 13.81 -21.18
C GLN A 37 -20.14 13.14 -21.79
N ILE A 38 -19.55 12.23 -21.02
CA ILE A 38 -18.38 11.49 -21.52
C ILE A 38 -18.89 10.41 -22.49
N THR A 39 -18.51 10.55 -23.76
CA THR A 39 -19.03 9.66 -24.80
C THR A 39 -17.99 8.67 -25.30
N ARG A 40 -16.71 8.92 -25.05
CA ARG A 40 -15.70 8.01 -25.57
C ARG A 40 -15.82 6.64 -24.91
N THR A 41 -15.37 5.60 -25.61
CA THR A 41 -15.38 4.23 -25.13
C THR A 41 -14.20 3.96 -24.20
N GLN A 42 -14.28 2.92 -23.37
CA GLN A 42 -13.11 2.67 -22.52
C GLN A 42 -11.91 2.38 -23.41
N GLU A 43 -12.13 1.84 -24.62
CA GLU A 43 -10.95 1.52 -25.43
C GLU A 43 -10.23 2.78 -25.88
N GLU A 44 -11.09 3.73 -26.27
CA GLU A 44 -10.59 5.02 -26.69
C GLU A 44 -9.90 5.71 -25.52
N ALA A 45 -10.48 5.56 -24.32
CA ALA A 45 -9.83 6.22 -23.17
C ALA A 45 -8.43 5.66 -22.95
N LEU A 46 -8.29 4.33 -23.02
CA LEU A 46 -6.95 3.80 -22.77
C LEU A 46 -6.03 4.20 -23.92
N GLU A 47 -6.55 4.25 -25.14
CA GLU A 47 -5.70 4.77 -26.21
C GLU A 47 -5.20 6.18 -25.93
N LEU A 48 -6.05 7.06 -25.40
CA LEU A 48 -5.60 8.43 -25.09
C LEU A 48 -4.52 8.48 -24.02
N ILE A 49 -4.72 7.70 -22.97
CA ILE A 49 -3.82 7.58 -21.83
C ILE A 49 -2.45 7.15 -22.30
N ASN A 50 -2.46 6.09 -23.14
CA ASN A 50 -1.19 5.58 -23.67
C ASN A 50 -0.53 6.60 -24.59
N GLY A 51 -1.30 7.36 -25.36
CA GLY A 51 -0.74 8.39 -26.23
C GLY A 51 -0.10 9.50 -25.41
N TYR A 52 -0.77 9.86 -24.32
CA TYR A 52 -0.22 10.79 -23.32
C TYR A 52 1.07 10.21 -22.74
N ILE A 53 1.08 8.93 -22.35
CA ILE A 53 2.30 8.36 -21.77
C ILE A 53 3.46 8.48 -22.76
N GLN A 54 3.21 8.17 -24.03
CA GLN A 54 4.31 8.23 -25.00
C GLN A 54 4.79 9.65 -25.24
N LYS A 55 3.92 10.67 -25.18
CA LYS A 55 4.41 12.01 -25.46
C LYS A 55 5.21 12.59 -24.30
N ILE A 56 4.86 12.13 -23.09
CA ILE A 56 5.57 12.57 -21.89
C ILE A 56 6.93 11.90 -21.79
N LYS A 57 7.01 10.62 -22.21
CA LYS A 57 8.31 9.96 -22.28
C LYS A 57 9.18 10.55 -23.38
N SER A 58 8.59 10.97 -24.49
CA SER A 58 9.38 11.52 -25.59
C SER A 58 9.82 12.94 -25.27
N GLY A 59 9.03 13.55 -24.39
CA GLY A 59 9.31 14.93 -23.99
C GLY A 59 8.47 15.89 -24.83
N GLU A 60 7.66 15.33 -25.72
CA GLU A 60 6.77 16.14 -26.55
C GLU A 60 5.72 16.88 -25.74
N GLU A 61 5.28 16.33 -24.60
CA GLU A 61 4.33 17.05 -23.76
C GLU A 61 4.76 17.05 -22.29
N ASP A 62 4.27 18.03 -21.55
CA ASP A 62 4.51 18.05 -20.10
C ASP A 62 3.29 17.50 -19.36
N PHE A 63 3.49 16.58 -18.44
CA PHE A 63 2.42 15.96 -17.66
C PHE A 63 1.41 16.99 -17.13
N GLU A 64 1.96 17.98 -16.44
CA GLU A 64 1.15 18.94 -15.70
C GLU A 64 0.35 19.82 -16.64
N SER A 65 0.98 20.21 -17.75
CA SER A 65 0.27 20.97 -18.77
C SER A 65 -0.82 20.11 -19.39
N LEU A 66 -0.50 18.85 -19.71
CA LEU A 66 -1.51 17.93 -20.24
C LEU A 66 -2.70 17.80 -19.30
N ALA A 67 -2.40 17.59 -18.01
CA ALA A 67 -3.50 17.43 -17.07
C ALA A 67 -4.34 18.70 -16.93
N SER A 68 -3.74 19.88 -16.92
CA SER A 68 -4.47 21.12 -16.74
C SER A 68 -5.45 21.39 -17.89
N GLN A 69 -5.26 20.78 -19.05
CA GLN A 69 -6.12 20.96 -20.21
C GLN A 69 -7.01 19.75 -20.50
N PHE A 70 -6.54 18.54 -20.21
CA PHE A 70 -7.27 17.37 -20.70
C PHE A 70 -7.74 16.42 -19.62
N SER A 71 -7.31 16.61 -18.37
CA SER A 71 -7.84 15.71 -17.35
C SER A 71 -9.34 15.93 -17.12
N ASP A 72 -10.06 14.83 -16.99
CA ASP A 72 -11.48 14.83 -16.66
C ASP A 72 -11.71 15.00 -15.17
N CYS A 73 -10.63 15.17 -14.41
CA CYS A 73 -10.76 15.43 -12.99
C CYS A 73 -10.72 16.94 -12.76
N SER A 74 -11.52 17.43 -11.82
CA SER A 74 -11.53 18.88 -11.57
C SER A 74 -10.22 19.34 -10.96
N SER A 75 -9.33 18.43 -10.58
CA SER A 75 -7.98 18.82 -10.22
C SER A 75 -7.20 19.34 -11.42
N ALA A 76 -7.75 19.31 -12.64
CA ALA A 76 -7.11 19.95 -13.78
C ALA A 76 -6.78 21.42 -13.49
N LYS A 77 -7.63 22.07 -12.71
CA LYS A 77 -7.43 23.49 -12.46
C LYS A 77 -6.21 23.70 -11.57
N ALA A 78 -5.78 22.66 -10.88
CA ALA A 78 -4.57 22.68 -10.05
C ALA A 78 -3.42 21.97 -10.74
N ARG A 79 -3.51 21.90 -12.06
CA ARG A 79 -2.53 21.20 -12.89
C ARG A 79 -2.38 19.76 -12.42
N GLY A 80 -3.51 19.17 -12.02
CA GLY A 80 -3.47 17.75 -11.71
C GLY A 80 -3.22 17.42 -10.26
N ASP A 81 -2.75 18.40 -9.48
CA ASP A 81 -2.39 18.12 -8.09
C ASP A 81 -3.57 17.67 -7.24
N LEU A 82 -3.39 16.55 -6.52
CA LEU A 82 -4.47 16.08 -5.67
C LEU A 82 -4.15 16.40 -4.21
N GLY A 83 -2.96 16.95 -4.03
CA GLY A 83 -2.46 17.17 -2.68
C GLY A 83 -2.08 15.86 -2.01
N ALA A 84 -1.87 15.89 -0.70
CA ALA A 84 -1.43 14.72 0.06
C ALA A 84 -2.59 13.87 0.53
N PHE A 85 -2.37 12.56 0.52
CA PHE A 85 -3.39 11.66 1.04
C PHE A 85 -2.68 10.46 1.69
N SER A 86 -3.40 9.85 2.62
CA SER A 86 -2.94 8.64 3.29
C SER A 86 -3.60 7.43 2.65
N ARG A 87 -3.24 6.23 3.11
CA ARG A 87 -3.99 5.05 2.67
C ARG A 87 -5.41 5.13 3.23
N GLY A 88 -6.33 4.42 2.60
CA GLY A 88 -7.71 4.34 3.02
C GLY A 88 -8.53 5.53 2.56
N GLN A 89 -7.97 6.41 1.73
CA GLN A 89 -8.80 7.56 1.33
C GLN A 89 -9.24 7.45 -0.12
N MET A 90 -8.31 7.10 -1.00
CA MET A 90 -8.58 6.99 -2.43
C MET A 90 -9.05 5.59 -2.79
N GLN A 91 -9.63 5.42 -3.97
CA GLN A 91 -9.97 4.08 -4.42
C GLN A 91 -8.70 3.23 -4.40
N LYS A 92 -8.80 2.01 -3.89
CA LYS A 92 -7.61 1.21 -3.63
C LYS A 92 -6.67 1.09 -4.82
N PRO A 93 -7.11 0.83 -6.05
CA PRO A 93 -6.13 0.72 -7.16
C PRO A 93 -5.30 1.99 -7.31
N PHE A 94 -5.91 3.14 -7.04
CA PHE A 94 -5.21 4.42 -7.18
C PHE A 94 -4.20 4.54 -6.05
N GLU A 95 -4.69 4.19 -4.86
CA GLU A 95 -3.82 4.24 -3.70
C GLU A 95 -2.60 3.36 -3.87
N ASP A 96 -2.84 2.12 -4.34
CA ASP A 96 -1.70 1.20 -4.42
C ASP A 96 -0.67 1.71 -5.41
N ALA A 97 -1.11 2.17 -6.57
CA ALA A 97 -0.13 2.67 -7.54
C ALA A 97 0.64 3.84 -6.96
N SER A 98 -0.05 4.78 -6.33
CA SER A 98 0.57 6.00 -5.84
C SER A 98 1.68 5.74 -4.84
N PHE A 99 1.36 4.87 -3.87
CA PHE A 99 2.33 4.62 -2.81
C PHE A 99 3.48 3.76 -3.36
N ALA A 100 3.27 3.12 -4.50
CA ALA A 100 4.36 2.32 -5.05
C ALA A 100 5.33 3.16 -5.86
N LEU A 101 4.96 4.41 -6.12
CA LEU A 101 5.84 5.28 -6.88
C LEU A 101 6.89 5.94 -5.97
N ARG A 102 8.05 6.22 -6.55
CA ARG A 102 9.04 7.06 -5.87
C ARG A 102 8.74 8.50 -6.21
N THR A 103 9.17 9.48 -5.42
CA THR A 103 8.84 10.85 -5.84
C THR A 103 9.50 11.17 -7.17
N GLY A 104 8.78 11.82 -8.07
CA GLY A 104 9.29 12.15 -9.38
C GLY A 104 9.00 11.05 -10.39
N GLU A 105 8.38 9.96 -9.95
CA GLU A 105 8.08 8.85 -10.86
C GLU A 105 6.65 8.88 -11.37
N MET A 106 6.43 8.37 -12.59
CA MET A 106 5.11 8.43 -13.20
C MET A 106 4.60 7.01 -13.42
N SER A 107 3.34 6.76 -13.11
CA SER A 107 2.75 5.43 -13.28
C SER A 107 2.42 5.13 -14.73
N GLY A 108 2.05 3.88 -14.98
CA GLY A 108 1.46 3.50 -16.26
C GLY A 108 -0.05 3.68 -16.09
N PRO A 109 -0.86 3.10 -16.98
CA PRO A 109 -2.31 3.24 -16.83
C PRO A 109 -2.74 2.65 -15.48
N VAL A 110 -3.64 3.37 -14.82
CA VAL A 110 -4.19 2.94 -13.54
C VAL A 110 -5.71 2.99 -13.62
N PHE A 111 -6.37 1.89 -13.25
CA PHE A 111 -7.82 1.79 -13.46
C PHE A 111 -8.61 1.91 -12.17
N THR A 112 -9.58 2.82 -12.17
CA THR A 112 -10.48 2.91 -11.02
C THR A 112 -11.91 2.92 -11.53
N ASP A 113 -12.89 2.85 -10.62
CA ASP A 113 -14.23 3.01 -11.16
C ASP A 113 -14.41 4.38 -11.78
N SER A 114 -13.59 5.39 -11.46
CA SER A 114 -13.78 6.71 -12.07
C SER A 114 -13.34 6.78 -13.52
N GLY A 115 -12.43 5.90 -13.92
CA GLY A 115 -11.87 5.94 -15.25
C GLY A 115 -10.41 5.51 -15.32
N ILE A 116 -9.61 6.08 -16.23
CA ILE A 116 -8.23 5.65 -16.36
C ILE A 116 -7.26 6.79 -16.08
N HIS A 117 -6.26 6.50 -15.26
CA HIS A 117 -5.35 7.52 -14.79
C HIS A 117 -3.87 7.26 -15.11
N ILE A 118 -3.17 8.38 -15.19
CA ILE A 118 -1.72 8.48 -15.14
C ILE A 118 -1.39 9.26 -13.86
N ILE A 119 -0.47 8.75 -13.05
CA ILE A 119 -0.13 9.40 -11.78
C ILE A 119 1.33 9.79 -11.71
N LEU A 120 1.57 11.00 -11.21
CA LEU A 120 2.88 11.53 -10.94
C LEU A 120 3.04 11.84 -9.46
N ARG A 121 3.96 11.16 -8.78
CA ARG A 121 4.13 11.43 -7.35
C ARG A 121 5.11 12.58 -7.19
N THR A 122 4.71 13.56 -6.40
CA THR A 122 5.52 14.74 -6.19
C THR A 122 6.17 14.77 -4.80
N GLU A 123 5.56 14.10 -3.84
CA GLU A 123 6.08 14.07 -2.47
C GLU A 123 5.70 12.74 -1.83
N GLU B 11 27.87 -7.75 13.25
CA GLU B 11 26.54 -7.57 12.68
C GLU B 11 26.17 -6.08 12.69
N PRO B 12 25.11 -5.68 12.01
CA PRO B 12 24.68 -4.28 12.07
C PRO B 12 24.20 -3.89 13.46
N ALA B 13 24.43 -2.62 13.83
CA ALA B 13 23.98 -2.13 15.13
C ALA B 13 22.46 -2.17 15.22
N ARG B 14 21.79 -2.04 14.08
CA ARG B 14 20.33 -2.13 14.10
C ARG B 14 19.84 -2.93 12.90
N VAL B 15 18.71 -3.61 13.05
CA VAL B 15 17.98 -4.13 11.91
C VAL B 15 16.58 -3.49 11.94
N ARG B 16 15.95 -3.49 10.78
CA ARG B 16 14.58 -2.99 10.75
C ARG B 16 13.71 -4.18 10.32
N CYS B 17 12.51 -4.23 10.90
CA CYS B 17 11.59 -5.31 10.63
C CYS B 17 10.16 -4.79 10.59
N SER B 18 9.35 -5.45 9.78
CA SER B 18 7.90 -5.39 9.90
C SER B 18 7.44 -6.72 10.46
N HIS B 19 6.28 -6.73 11.13
CA HIS B 19 5.78 -8.04 11.54
C HIS B 19 4.25 -8.07 11.48
N LEU B 20 3.75 -9.28 11.57
CA LEU B 20 2.35 -9.57 11.70
C LEU B 20 2.22 -10.45 12.95
N LEU B 21 1.49 -9.94 13.93
CA LEU B 21 1.28 -10.65 15.18
C LEU B 21 -0.13 -11.20 15.27
N VAL B 22 -0.21 -12.47 15.65
CA VAL B 22 -1.49 -13.09 15.98
C VAL B 22 -1.45 -13.48 17.45
N LYS B 23 -2.24 -12.81 18.29
CA LYS B 23 -2.20 -13.09 19.72
C LYS B 23 -3.09 -14.28 20.05
N HIS B 24 -2.95 -14.86 21.23
CA HIS B 24 -3.85 -15.91 21.68
C HIS B 24 -4.20 -15.64 23.14
N SER B 25 -5.10 -16.42 23.72
CA SER B 25 -5.57 -16.16 25.07
C SER B 25 -4.46 -16.19 26.11
N GLN B 26 -3.35 -16.88 25.89
CA GLN B 26 -2.27 -16.92 26.87
C GLN B 26 -1.13 -15.95 26.57
N SER B 27 -1.32 -15.08 25.57
CA SER B 27 -0.42 -13.97 25.37
C SER B 27 -0.44 -13.00 26.56
N ARG B 28 0.63 -12.26 26.75
CA ARG B 28 0.85 -11.34 27.86
C ARG B 28 -0.27 -10.33 27.99
N ARG B 29 -0.68 -9.74 26.87
CA ARG B 29 -1.78 -8.80 26.81
C ARG B 29 -2.76 -9.23 25.71
N PRO B 30 -3.70 -10.09 26.10
CA PRO B 30 -4.67 -10.68 25.16
C PRO B 30 -5.83 -9.74 24.82
N SER B 31 -5.45 -8.60 24.27
CA SER B 31 -6.26 -7.50 23.82
C SER B 31 -5.58 -6.86 22.61
N SER B 32 -6.33 -6.30 21.67
CA SER B 32 -5.73 -5.51 20.59
C SER B 32 -6.78 -4.58 19.99
N TRP B 33 -6.36 -3.77 19.03
CA TRP B 33 -7.27 -2.91 18.28
C TRP B 33 -8.42 -3.71 17.66
N ARG B 34 -8.14 -4.97 17.32
CA ARG B 34 -9.15 -5.83 16.72
C ARG B 34 -10.19 -6.35 17.71
N GLN B 35 -9.81 -6.73 18.92
CA GLN B 35 -10.73 -7.31 19.89
C GLN B 35 -10.31 -6.92 21.32
N GLU B 36 -11.25 -6.50 22.15
CA GLU B 36 -10.87 -6.14 23.53
C GLU B 36 -10.49 -7.39 24.32
N GLN B 37 -11.02 -8.54 23.90
CA GLN B 37 -10.59 -9.78 24.52
C GLN B 37 -10.34 -10.87 23.50
N ILE B 38 -9.08 -11.28 23.47
CA ILE B 38 -8.62 -12.28 22.51
C ILE B 38 -8.76 -13.65 23.11
N THR B 39 -9.63 -14.45 22.49
CA THR B 39 -10.00 -15.73 23.06
C THR B 39 -9.51 -16.93 22.28
N ARG B 40 -8.86 -16.74 21.13
CA ARG B 40 -8.39 -17.87 20.35
C ARG B 40 -7.24 -18.57 21.10
N THR B 41 -7.06 -19.84 20.79
CA THR B 41 -5.99 -20.63 21.36
C THR B 41 -4.71 -20.49 20.54
N GLN B 42 -3.58 -20.90 21.09
CA GLN B 42 -2.32 -20.80 20.36
C GLN B 42 -2.44 -21.59 19.06
N GLU B 43 -3.02 -22.77 19.14
CA GLU B 43 -3.31 -23.61 17.98
C GLU B 43 -4.03 -22.82 16.88
N GLU B 44 -5.09 -22.14 17.26
CA GLU B 44 -5.84 -21.32 16.31
C GLU B 44 -4.98 -20.17 15.79
N ALA B 45 -4.21 -19.56 16.68
CA ALA B 45 -3.28 -18.51 16.26
C ALA B 45 -2.30 -19.04 15.22
N LEU B 46 -1.71 -20.20 15.44
CA LEU B 46 -0.74 -20.75 14.48
C LEU B 46 -1.40 -21.04 13.15
N GLU B 47 -2.64 -21.54 13.21
CA GLU B 47 -3.28 -21.81 11.91
C GLU B 47 -3.57 -20.52 11.17
N LEU B 48 -3.87 -19.45 11.92
CA LEU B 48 -4.09 -18.18 11.20
C LEU B 48 -2.78 -17.72 10.58
N ILE B 49 -1.69 -17.85 11.32
CA ILE B 49 -0.37 -17.42 10.86
C ILE B 49 0.04 -18.21 9.63
N ASN B 50 -0.26 -19.51 9.68
CA ASN B 50 0.10 -20.38 8.55
C ASN B 50 -0.71 -19.99 7.34
N GLY B 51 -1.96 -19.57 7.55
CA GLY B 51 -2.76 -19.17 6.39
C GLY B 51 -2.18 -17.90 5.79
N TYR B 52 -1.73 -17.01 6.68
CA TYR B 52 -1.25 -15.73 6.16
C TYR B 52 0.07 -15.93 5.42
N ILE B 53 0.89 -16.84 5.94
CA ILE B 53 2.15 -17.15 5.28
C ILE B 53 1.88 -17.70 3.89
N GLN B 54 0.81 -18.47 3.73
CA GLN B 54 0.50 -19.06 2.43
C GLN B 54 0.11 -18.00 1.40
N LYS B 55 -0.74 -17.07 1.84
CA LYS B 55 -1.25 -16.07 0.91
C LYS B 55 -0.13 -15.20 0.35
N ILE B 56 0.85 -14.95 1.22
CA ILE B 56 1.99 -14.12 0.92
C ILE B 56 2.96 -14.85 0.01
N LYS B 57 3.09 -16.16 0.25
CA LYS B 57 4.10 -16.88 -0.53
C LYS B 57 3.60 -17.11 -1.95
N SER B 58 2.30 -17.37 -2.04
CA SER B 58 1.67 -17.53 -3.35
C SER B 58 1.61 -16.17 -4.04
N GLY B 59 1.27 -15.14 -3.27
CA GLY B 59 1.20 -13.80 -3.84
C GLY B 59 -0.21 -13.27 -3.95
N GLU B 60 -1.20 -14.01 -3.44
CA GLU B 60 -2.54 -13.40 -3.51
C GLU B 60 -2.55 -12.10 -2.71
N GLU B 61 -1.78 -12.05 -1.63
CA GLU B 61 -1.74 -10.86 -0.79
C GLU B 61 -0.31 -10.54 -0.39
N ASP B 62 -0.02 -9.28 -0.05
CA ASP B 62 1.35 -9.04 0.38
C ASP B 62 1.39 -8.76 1.89
N PHE B 63 2.59 -8.94 2.41
CA PHE B 63 2.85 -8.86 3.84
C PHE B 63 2.20 -7.63 4.46
N GLU B 64 2.57 -6.45 3.96
CA GLU B 64 2.15 -5.20 4.57
C GLU B 64 0.64 -5.04 4.61
N SER B 65 -0.02 -5.56 3.59
CA SER B 65 -1.47 -5.37 3.54
C SER B 65 -2.13 -6.30 4.55
N LEU B 66 -1.58 -7.50 4.66
CA LEU B 66 -2.10 -8.47 5.63
C LEU B 66 -1.80 -7.99 7.05
N ALA B 67 -0.62 -7.38 7.28
CA ALA B 67 -0.32 -6.88 8.61
C ALA B 67 -1.30 -5.78 9.01
N SER B 68 -1.49 -4.86 8.06
CA SER B 68 -2.42 -3.76 8.21
C SER B 68 -3.81 -4.27 8.55
N GLN B 69 -4.24 -5.40 7.97
CA GLN B 69 -5.61 -5.83 8.24
C GLN B 69 -5.71 -6.71 9.49
N PHE B 70 -4.76 -7.64 9.64
CA PHE B 70 -4.91 -8.73 10.59
C PHE B 70 -3.97 -8.73 11.76
N SER B 71 -3.03 -7.79 11.81
CA SER B 71 -2.08 -7.89 12.92
C SER B 71 -2.68 -7.41 14.24
N ASP B 72 -2.46 -8.19 15.30
CA ASP B 72 -2.96 -7.85 16.63
C ASP B 72 -2.02 -6.89 17.36
N CYS B 73 -0.93 -6.48 16.72
CA CYS B 73 -0.02 -5.47 17.27
C CYS B 73 -0.45 -4.07 16.81
N SER B 74 -0.29 -3.04 17.66
CA SER B 74 -0.69 -1.71 17.20
C SER B 74 0.16 -1.25 16.03
N SER B 75 1.28 -1.90 15.69
CA SER B 75 2.04 -1.49 14.51
C SER B 75 1.28 -1.79 13.22
N ALA B 76 0.14 -2.48 13.30
CA ALA B 76 -0.73 -2.63 12.15
C ALA B 76 -1.01 -1.28 11.47
N LYS B 77 -1.10 -0.22 12.27
CA LYS B 77 -1.40 1.11 11.78
C LYS B 77 -0.25 1.66 10.93
N ALA B 78 0.93 1.08 11.16
CA ALA B 78 2.14 1.36 10.43
C ALA B 78 2.45 0.22 9.46
N ARG B 79 1.39 -0.45 9.03
CA ARG B 79 1.50 -1.60 8.14
C ARG B 79 2.59 -2.57 8.58
N GLY B 80 2.73 -2.76 9.90
CA GLY B 80 3.60 -3.75 10.48
C GLY B 80 4.97 -3.25 10.83
N ASP B 81 5.32 -2.04 10.36
CA ASP B 81 6.69 -1.57 10.58
C ASP B 81 6.93 -1.25 12.05
N LEU B 82 7.97 -1.85 12.62
CA LEU B 82 8.37 -1.63 14.00
C LEU B 82 9.46 -0.57 14.10
N GLY B 83 10.04 -0.20 12.95
CA GLY B 83 11.22 0.65 12.95
C GLY B 83 12.51 -0.10 13.24
N ALA B 84 13.63 0.61 13.16
CA ALA B 84 14.90 -0.03 13.43
C ALA B 84 15.12 -0.26 14.92
N PHE B 85 15.82 -1.33 15.23
CA PHE B 85 16.13 -1.61 16.63
C PHE B 85 17.44 -2.37 16.76
N SER B 86 18.00 -2.21 17.97
CA SER B 86 19.26 -2.86 18.29
C SER B 86 18.99 -4.01 19.27
N ARG B 87 20.03 -4.78 19.56
CA ARG B 87 19.94 -5.82 20.57
C ARG B 87 19.46 -5.26 21.92
N GLY B 88 18.60 -6.01 22.60
CA GLY B 88 18.13 -5.63 23.92
C GLY B 88 16.92 -4.72 23.85
N GLN B 89 16.40 -4.47 22.65
CA GLN B 89 15.24 -3.59 22.54
C GLN B 89 13.95 -4.38 22.34
N MET B 90 14.11 -5.66 22.02
CA MET B 90 12.95 -6.50 21.76
C MET B 90 13.10 -7.84 22.46
N GLN B 91 11.98 -8.51 22.69
CA GLN B 91 11.94 -9.81 23.33
C GLN B 91 12.96 -10.73 22.68
N LYS B 92 13.74 -11.42 23.51
CA LYS B 92 14.80 -12.34 23.09
C LYS B 92 14.39 -13.18 21.91
N PRO B 93 13.27 -13.91 21.94
CA PRO B 93 12.93 -14.76 20.79
C PRO B 93 12.72 -13.94 19.51
N PHE B 94 12.12 -12.76 19.62
CA PHE B 94 11.93 -11.91 18.43
C PHE B 94 13.25 -11.37 17.91
N GLU B 95 14.07 -10.78 18.75
CA GLU B 95 15.39 -10.28 18.38
C GLU B 95 16.22 -11.34 17.67
N ASP B 96 16.27 -12.54 18.22
CA ASP B 96 16.97 -13.69 17.64
C ASP B 96 16.48 -14.02 16.23
N ALA B 97 15.16 -14.16 16.10
CA ALA B 97 14.57 -14.46 14.80
C ALA B 97 14.89 -13.35 13.81
N SER B 98 14.87 -12.10 14.28
CA SER B 98 15.05 -10.93 13.46
C SER B 98 16.50 -10.75 12.99
N PHE B 99 17.44 -10.90 13.92
CA PHE B 99 18.86 -10.78 13.57
C PHE B 99 19.34 -11.99 12.76
N ALA B 100 18.58 -13.07 12.80
CA ALA B 100 18.92 -14.27 12.06
C ALA B 100 18.40 -14.24 10.63
N LEU B 101 17.52 -13.30 10.27
CA LEU B 101 17.15 -13.25 8.86
C LEU B 101 18.12 -12.38 8.07
N ARG B 102 18.25 -12.66 6.78
CA ARG B 102 18.92 -11.76 5.87
C ARG B 102 17.96 -10.65 5.50
N THR B 103 18.47 -9.52 5.04
CA THR B 103 17.56 -8.46 4.62
C THR B 103 16.56 -8.90 3.55
N GLY B 104 15.29 -8.56 3.75
CA GLY B 104 14.26 -8.89 2.79
C GLY B 104 13.72 -10.29 2.98
N GLU B 105 14.27 -11.02 3.95
CA GLU B 105 13.75 -12.36 4.20
C GLU B 105 12.59 -12.25 5.18
N MET B 106 11.69 -13.21 5.04
CA MET B 106 10.56 -13.35 5.92
C MET B 106 10.67 -14.63 6.74
N SER B 107 10.31 -14.57 8.02
CA SER B 107 10.38 -15.74 8.87
C SER B 107 9.19 -16.67 8.68
N GLY B 108 9.32 -17.85 9.26
CA GLY B 108 8.17 -18.73 9.48
C GLY B 108 7.55 -18.31 10.82
N PRO B 109 6.62 -19.05 11.38
CA PRO B 109 6.06 -18.63 12.67
C PRO B 109 7.15 -18.47 13.73
N VAL B 110 7.12 -17.36 14.46
CA VAL B 110 8.06 -17.10 15.55
C VAL B 110 7.27 -16.99 16.85
N PHE B 111 7.71 -17.66 17.92
CA PHE B 111 6.92 -17.75 19.13
C PHE B 111 7.43 -16.83 20.22
N THR B 112 6.56 -15.96 20.74
CA THR B 112 6.96 -15.10 21.83
C THR B 112 5.89 -15.09 22.92
N ASP B 113 6.22 -14.41 24.01
CA ASP B 113 5.23 -14.16 25.04
C ASP B 113 4.12 -13.22 24.55
N SER B 114 4.30 -12.50 23.43
CA SER B 114 3.25 -11.63 22.93
C SER B 114 2.28 -12.36 22.00
N GLY B 115 2.73 -13.47 21.42
CA GLY B 115 1.85 -14.22 20.53
C GLY B 115 2.68 -14.94 19.47
N ILE B 116 2.12 -15.22 18.30
CA ILE B 116 2.85 -15.81 17.19
C ILE B 116 3.02 -14.78 16.08
N HIS B 117 4.27 -14.65 15.64
CA HIS B 117 4.56 -13.62 14.66
C HIS B 117 5.12 -14.23 13.38
N ILE B 118 4.93 -13.42 12.34
CA ILE B 118 5.65 -13.52 11.09
C ILE B 118 6.48 -12.23 10.98
N ILE B 119 7.75 -12.39 10.67
CA ILE B 119 8.64 -11.23 10.63
C ILE B 119 9.20 -11.04 9.22
N LEU B 120 9.17 -9.80 8.78
CA LEU B 120 9.80 -9.41 7.53
C LEU B 120 10.98 -8.48 7.82
N ARG B 121 12.22 -8.88 7.54
CA ARG B 121 13.32 -7.94 7.82
C ARG B 121 13.47 -7.03 6.61
N THR B 122 13.45 -5.74 6.87
CA THR B 122 13.46 -4.76 5.78
C THR B 122 14.78 -4.02 5.66
N GLU B 123 15.60 -4.09 6.71
CA GLU B 123 16.91 -3.45 6.67
C GLU B 123 17.81 -4.23 7.64
C1 JZI C . -10.90 11.52 -9.52
C2 JZI C . -10.21 10.46 -8.75
C3 JZI C . -10.74 9.18 -8.66
C4 JZI C . -10.06 8.22 -7.92
C5 JZI C . -8.88 8.49 -7.26
C6 JZI C . -8.35 9.78 -7.34
C7 JZI C . -9.02 10.74 -8.08
C8 JZI C . -13.63 13.47 -9.80
C9 JZI C . -12.80 12.52 -10.71
C10 JZI C . -14.18 14.53 -10.73
O11 JZI C . -13.59 15.74 -10.68
O12 JZI C . -15.10 14.28 -11.46
C13 JZI C . -12.17 11.42 -9.92
C14 JZI C . -8.52 18.12 -5.88
C15 JZI C . -8.03 17.41 -4.78
C16 JZI C . -8.49 16.17 -4.45
C17 JZI C . -9.51 17.58 -6.66
C18 JZI C . -10.02 16.31 -6.36
C19 JZI C . -9.51 15.59 -5.24
C20 JZI C . -10.02 14.32 -4.94
C21 JZI C . -10.99 13.77 -5.71
C22 JZI C . -11.51 14.47 -6.83
C23 JZI C . -11.02 15.72 -7.15
C24 JZI C . -12.57 13.82 -7.64
N25 JZI C . -12.62 14.13 -8.95
O26 JZI C . -13.31 12.95 -7.24
C1 JZI D . 4.58 -6.78 19.78
C2 JZI D . 5.99 -7.17 19.67
C3 JZI D . 6.51 -8.11 20.56
C4 JZI D . 7.85 -8.47 20.44
C5 JZI D . 8.67 -7.91 19.49
C6 JZI D . 8.15 -6.97 18.61
C7 JZI D . 6.82 -6.60 18.69
C8 JZI D . 2.29 -5.09 21.53
C9 JZI D . 2.47 -6.50 20.96
C10 JZI D . 0.80 -4.85 21.60
O11 JZI D . 0.21 -4.05 20.68
O12 JZI D . 0.17 -5.38 22.46
C13 JZI D . 3.91 -6.92 20.92
C14 JZI D . 4.61 0.80 16.60
C15 JZI D . 6.00 0.74 16.51
C16 JZI D . 6.75 -0.12 17.25
C17 JZI D . 3.94 -0.01 17.47
C18 JZI D . 4.66 -0.92 18.27
C19 JZI D . 6.08 -0.98 18.15
C20 JZI D . 6.81 -1.90 18.94
C21 JZI D . 6.14 -2.71 19.80
C22 JZI D . 4.73 -2.66 19.92
C23 JZI D . 3.99 -1.78 19.15
C24 JZI D . 4.09 -3.58 20.88
N25 JZI D . 2.89 -4.14 20.56
O26 JZI D . 4.63 -3.88 21.92
#